data_4LUR
#
_entry.id   4LUR
#
_cell.length_a   83.295
_cell.length_b   97.771
_cell.length_c   41.214
_cell.angle_alpha   90.00
_cell.angle_beta   90.00
_cell.angle_gamma   90.00
#
_symmetry.space_group_name_H-M   'P 21 21 2'
#
loop_
_entity.id
_entity.type
_entity.pdbx_description
1 polymer 'Interphotoreceptor Retinoid-Binding Protein(IRBP)'
2 non-polymer '4-(2-HYDROXYETHYL)-1-PIPERAZINE ETHANESULFONIC ACID'
3 non-polymer GLYCEROL
4 non-polymer 'OLEIC ACID'
5 water water
#
_entity_poly.entity_id   1
_entity_poly.type   'polypeptide(L)'
_entity_poly.pdbx_seq_one_letter_code
;FSPTLIAD(MSE)AKIF(MSE)DNYCSPEKLTG(MSE)EEAIDAASSNTEILSISDPT(MSE)LANVLTDGVKKTISDSR
VKVTYEPDLILAAPPA(MSE)PDIPLEHLAA(MSE)IKGTVKVEILEGNIGYLKIQHIIGEE(MSE)AQKVGPLLLEYIW
DKILPTSA(MSE)ILDFRSTVTGELSGIPYIVSYFTDPEPLIHIDSVYDRTADLTIELWS(MSE)PTLLGKRYGTSKPLI
ILTSKDTLGIAEDVAYCLKNLKRATIVGENTAGGTVK(MSE)SK(MSE)KVGDTDFYVTVPVAKSINPITGKSWEINGVA
PDVDVAAEDALDAAIAIIKLRAEIPALAQAAAT
;
_entity_poly.pdbx_strand_id   A
#
loop_
_chem_comp.id
_chem_comp.type
_chem_comp.name
_chem_comp.formula
EPE non-polymer '4-(2-HYDROXYETHYL)-1-PIPERAZINE ETHANESULFONIC ACID' 'C8 H18 N2 O4 S'
GOL non-polymer GLYCEROL 'C3 H8 O3'
OLA non-polymer 'OLEIC ACID' 'C18 H34 O2'
#
# COMPACT_ATOMS: atom_id res chain seq x y z
N PHE A 1 8.18 17.94 -33.14
CA PHE A 1 7.74 18.47 -31.81
C PHE A 1 6.38 19.17 -31.93
N SER A 2 6.41 20.52 -31.98
CA SER A 2 5.20 21.36 -31.99
C SER A 2 4.93 21.95 -30.59
N PRO A 3 4.08 23.00 -30.52
CA PRO A 3 3.39 23.32 -29.25
C PRO A 3 2.30 22.28 -28.88
N THR A 4 1.76 21.58 -29.89
CA THR A 4 0.78 20.47 -29.69
C THR A 4 1.20 19.48 -28.62
N LEU A 5 2.48 19.13 -28.63
CA LEU A 5 3.07 18.25 -27.63
C LEU A 5 2.73 18.69 -26.20
N ILE A 6 2.92 19.97 -25.89
CA ILE A 6 2.68 20.47 -24.53
C ILE A 6 1.21 20.29 -24.18
N ALA A 7 0.34 20.71 -25.09
CA ALA A 7 -1.10 20.58 -24.93
C ALA A 7 -1.54 19.14 -24.67
N ASP A 8 -0.91 18.19 -25.35
CA ASP A 8 -1.27 16.77 -25.27
C ASP A 8 -0.75 16.10 -23.99
N MSE A 9 0.41 16.54 -23.52
CA MSE A 9 0.96 16.10 -22.24
C MSE A 9 0.06 16.58 -21.13
O MSE A 9 -0.34 15.82 -20.25
CB MSE A 9 2.33 16.70 -22.01
CG MSE A 9 3.43 16.06 -22.77
SE MSE A 9 4.98 17.17 -22.53
CE MSE A 9 6.31 16.08 -23.47
N ALA A 10 -0.25 17.87 -21.20
CA ALA A 10 -1.05 18.56 -20.20
C ALA A 10 -2.40 17.90 -20.03
N LYS A 11 -3.05 17.53 -21.12
CA LYS A 11 -4.34 16.85 -21.07
C LYS A 11 -4.24 15.51 -20.35
N ILE A 12 -3.18 14.77 -20.61
CA ILE A 12 -2.97 13.47 -19.95
C ILE A 12 -2.83 13.68 -18.44
N PHE A 13 -1.97 14.64 -18.06
CA PHE A 13 -1.80 15.00 -16.66
C PHE A 13 -3.12 15.42 -16.00
N MSE A 14 -3.84 16.35 -16.64
CA MSE A 14 -5.05 16.93 -16.05
C MSE A 14 -6.17 15.89 -15.94
O MSE A 14 -6.99 15.96 -15.02
CB MSE A 14 -5.57 18.12 -16.87
CG MSE A 14 -4.64 19.32 -16.97
SE MSE A 14 -4.30 20.26 -15.29
CE MSE A 14 -6.08 21.03 -15.02
N ASP A 15 -6.23 14.97 -16.89
CA ASP A 15 -7.30 13.98 -16.94
C ASP A 15 -7.09 12.85 -15.92
N ASN A 16 -5.87 12.70 -15.41
CA ASN A 16 -5.53 11.49 -14.63
C ASN A 16 -4.98 11.74 -13.24
N TYR A 17 -4.55 12.97 -12.96
CA TYR A 17 -3.96 13.27 -11.64
C TYR A 17 -4.98 13.03 -10.52
N CYS A 18 -4.58 12.30 -9.48
CA CYS A 18 -5.50 11.86 -8.43
C CYS A 18 -6.16 12.99 -7.65
N SER A 19 -5.60 14.20 -7.66
CA SER A 19 -6.18 15.31 -6.85
C SER A 19 -6.49 16.59 -7.63
N PRO A 20 -7.51 16.53 -8.49
CA PRO A 20 -7.87 17.66 -9.38
C PRO A 20 -8.19 18.94 -8.61
N GLU A 21 -8.75 18.83 -7.39
CA GLU A 21 -9.02 20.01 -6.55
C GLU A 21 -7.78 20.87 -6.21
N LYS A 22 -6.57 20.32 -6.39
CA LYS A 22 -5.36 21.06 -6.08
C LYS A 22 -4.73 21.71 -7.31
N LEU A 23 -5.50 21.81 -8.39
CA LEU A 23 -4.94 22.21 -9.68
C LEU A 23 -5.32 23.64 -10.15
N THR A 24 -5.71 24.50 -9.20
CA THR A 24 -5.88 25.93 -9.49
C THR A 24 -4.59 26.48 -10.14
N GLY A 25 -4.76 27.20 -11.24
CA GLY A 25 -3.63 27.86 -11.90
C GLY A 25 -2.99 27.00 -12.96
N MSE A 26 -3.29 25.70 -12.97
CA MSE A 26 -2.63 24.77 -13.89
C MSE A 26 -2.98 25.04 -15.36
O MSE A 26 -2.08 25.08 -16.21
CB MSE A 26 -2.90 23.30 -13.50
CG MSE A 26 -1.94 22.32 -14.13
SE MSE A 26 -0.22 22.53 -13.62
CE MSE A 26 0.57 21.37 -14.74
N GLU A 27 -4.26 25.21 -15.66
CA GLU A 27 -4.67 25.50 -17.03
C GLU A 27 -3.96 26.73 -17.57
N GLU A 28 -3.74 27.71 -16.70
CA GLU A 28 -3.08 28.96 -17.05
C GLU A 28 -1.57 28.75 -17.30
N ALA A 29 -0.92 27.93 -16.48
CA ALA A 29 0.51 27.66 -16.66
C ALA A 29 0.76 26.84 -17.93
N ILE A 30 -0.21 26.02 -18.30
CA ILE A 30 -0.21 25.27 -19.57
C ILE A 30 -0.20 26.22 -20.76
N ASP A 31 -1.15 27.16 -20.77
CA ASP A 31 -1.23 28.17 -21.80
C ASP A 31 0.08 28.96 -21.94
N ALA A 32 0.61 29.47 -20.84
CA ALA A 32 1.88 30.20 -20.85
C ALA A 32 3.01 29.33 -21.41
N ALA A 33 3.13 28.10 -20.90
CA ALA A 33 4.18 27.19 -21.34
C ALA A 33 4.17 26.95 -22.85
N SER A 34 2.97 26.95 -23.44
CA SER A 34 2.80 26.75 -24.88
C SER A 34 3.34 27.91 -25.72
N SER A 35 3.49 29.06 -25.10
CA SER A 35 4.01 30.22 -25.82
C SER A 35 5.33 30.71 -25.28
N ASN A 36 5.89 29.96 -24.35
CA ASN A 36 7.18 30.28 -23.79
C ASN A 36 8.23 29.95 -24.83
N THR A 37 8.92 30.99 -25.31
CA THR A 37 9.84 30.80 -26.44
C THR A 37 11.14 30.11 -26.03
N GLU A 38 11.52 30.20 -24.75
CA GLU A 38 12.65 29.38 -24.27
C GLU A 38 12.38 27.87 -24.38
N ILE A 39 11.17 27.44 -23.97
CA ILE A 39 10.70 26.06 -24.20
C ILE A 39 10.68 25.71 -25.69
N LEU A 40 10.11 26.59 -26.49
CA LEU A 40 10.05 26.41 -27.92
C LEU A 40 11.45 26.38 -28.58
N SER A 41 12.47 26.84 -27.86
CA SER A 41 13.86 26.88 -28.38
C SER A 41 14.62 25.59 -28.10
N ILE A 42 14.01 24.69 -27.32
CA ILE A 42 14.66 23.44 -26.95
C ILE A 42 14.50 22.42 -28.07
N SER A 43 15.61 21.89 -28.55
CA SER A 43 15.56 20.86 -29.56
C SER A 43 15.86 19.48 -28.99
N ASP A 44 16.52 19.49 -27.84
CA ASP A 44 16.90 18.26 -27.13
C ASP A 44 15.66 17.72 -26.43
N PRO A 45 15.23 16.49 -26.76
CA PRO A 45 14.00 15.98 -26.14
C PRO A 45 14.10 15.68 -24.64
N THR A 46 15.27 15.24 -24.19
CA THR A 46 15.51 14.99 -22.77
C THR A 46 15.57 16.29 -21.95
N MSE A 47 16.19 17.33 -22.50
CA MSE A 47 16.09 18.65 -21.91
C MSE A 47 14.65 19.16 -21.85
O MSE A 47 14.22 19.64 -20.82
CB MSE A 47 17.00 19.63 -22.62
CG MSE A 47 16.80 21.08 -22.18
SE MSE A 47 18.02 22.26 -23.15
CE MSE A 47 19.49 22.26 -21.84
N LEU A 48 13.90 19.03 -22.96
CA LEU A 48 12.48 19.38 -22.93
C LEU A 48 11.76 18.68 -21.76
N ALA A 49 11.99 17.39 -21.60
CA ALA A 49 11.33 16.60 -20.54
C ALA A 49 11.74 17.10 -19.12
N ASN A 50 13.03 17.37 -18.92
CA ASN A 50 13.52 17.90 -17.65
C ASN A 50 12.92 19.25 -17.26
N VAL A 51 12.79 20.11 -18.27
CA VAL A 51 12.29 21.46 -18.10
C VAL A 51 10.81 21.43 -17.72
N LEU A 52 10.03 20.64 -18.45
CA LEU A 52 8.60 20.60 -18.16
C LEU A 52 8.35 20.00 -16.78
N THR A 53 9.21 19.06 -16.40
CA THR A 53 9.15 18.36 -15.10
C THR A 53 9.38 19.34 -13.94
N ASP A 54 10.47 20.11 -13.99
CA ASP A 54 10.73 21.18 -13.04
C ASP A 54 9.67 22.30 -13.05
N GLY A 55 9.12 22.60 -14.22
CA GLY A 55 8.07 23.58 -14.37
C GLY A 55 6.81 23.22 -13.60
N VAL A 56 6.41 21.95 -13.67
CA VAL A 56 5.24 21.46 -12.92
C VAL A 56 5.52 21.43 -11.40
N LYS A 57 6.75 21.10 -11.02
CA LYS A 57 7.18 21.12 -9.61
C LYS A 57 6.95 22.48 -8.95
N LYS A 58 7.40 23.54 -9.61
CA LYS A 58 7.21 24.91 -9.13
C LYS A 58 5.78 25.39 -9.38
N THR A 59 4.86 24.45 -9.63
CA THR A 59 3.45 24.77 -9.84
C THR A 59 2.53 23.88 -8.99
N ILE A 60 2.91 22.61 -8.80
CA ILE A 60 2.02 21.63 -8.22
C ILE A 60 2.49 21.04 -6.90
N SER A 61 3.77 21.21 -6.59
CA SER A 61 4.39 20.64 -5.36
C SER A 61 4.25 19.11 -5.18
N ASP A 62 4.19 18.36 -6.27
CA ASP A 62 4.11 16.89 -6.18
C ASP A 62 5.28 16.26 -6.92
N SER A 63 6.22 15.71 -6.16
CA SER A 63 7.45 15.17 -6.72
C SER A 63 7.30 13.88 -7.51
N ARG A 64 6.12 13.28 -7.46
CA ARG A 64 5.85 12.03 -8.20
C ARG A 64 5.50 12.27 -9.67
N VAL A 65 5.32 13.54 -10.05
CA VAL A 65 4.87 13.83 -11.40
C VAL A 65 6.10 14.15 -12.25
N LYS A 66 6.20 13.51 -13.40
CA LYS A 66 7.40 13.57 -14.21
C LYS A 66 7.02 13.48 -15.70
N VAL A 67 7.77 14.15 -16.56
CA VAL A 67 7.70 13.85 -17.98
C VAL A 67 9.06 13.30 -18.41
N THR A 68 9.05 12.23 -19.19
CA THR A 68 10.29 11.60 -19.62
C THR A 68 10.23 11.36 -21.11
N TYR A 69 11.42 11.26 -21.71
CA TYR A 69 11.53 10.90 -23.10
C TYR A 69 12.18 9.52 -23.12
N GLU A 70 11.42 8.54 -23.59
CA GLU A 70 11.85 7.15 -23.54
C GLU A 70 11.64 6.39 -24.86
N PRO A 71 12.52 6.63 -25.86
CA PRO A 71 12.52 5.79 -27.04
C PRO A 71 13.08 4.41 -26.63
N ASP A 72 12.68 3.36 -27.33
CA ASP A 72 13.12 1.99 -26.98
C ASP A 72 12.48 1.43 -25.70
N LEU A 73 11.57 2.19 -25.07
CA LEU A 73 10.83 1.63 -23.96
C LEU A 73 9.90 0.55 -24.50
N ILE A 74 10.05 -0.66 -23.97
CA ILE A 74 9.07 -1.73 -24.18
C ILE A 74 8.66 -2.23 -22.81
N LEU A 75 7.36 -2.25 -22.57
CA LEU A 75 6.85 -2.82 -21.33
C LEU A 75 6.65 -4.32 -21.46
N ALA A 76 7.19 -5.05 -20.49
CA ALA A 76 7.01 -6.50 -20.39
C ALA A 76 5.54 -6.81 -20.14
N ALA A 77 4.89 -7.39 -21.16
CA ALA A 77 3.51 -7.84 -21.06
C ALA A 77 3.42 -9.07 -20.14
N PRO A 78 2.31 -9.22 -19.37
CA PRO A 78 2.11 -10.45 -18.61
C PRO A 78 2.42 -11.71 -19.45
N PRO A 79 3.04 -12.73 -18.84
CA PRO A 79 3.43 -13.94 -19.61
C PRO A 79 2.23 -14.82 -19.97
N ALA A 80 2.34 -15.54 -21.07
CA ALA A 80 1.35 -16.52 -21.50
C ALA A 80 1.30 -17.67 -20.51
N MSE A 81 0.10 -18.15 -20.21
CA MSE A 81 -0.02 -19.17 -19.18
C MSE A 81 -1.15 -20.13 -19.48
O MSE A 81 -2.26 -19.70 -19.80
CB MSE A 81 -0.29 -18.53 -17.82
CG MSE A 81 0.90 -17.79 -17.22
SE MSE A 81 0.38 -17.17 -15.43
CE MSE A 81 -1.20 -16.09 -15.88
N PRO A 82 -0.88 -21.44 -19.30
CA PRO A 82 -1.96 -22.42 -19.31
C PRO A 82 -2.87 -22.26 -18.09
N ASP A 83 -3.84 -23.16 -17.89
CA ASP A 83 -4.65 -23.14 -16.68
C ASP A 83 -3.74 -23.41 -15.49
N ILE A 84 -3.84 -22.59 -14.44
CA ILE A 84 -3.11 -22.93 -13.22
C ILE A 84 -4.11 -23.37 -12.15
N PRO A 85 -4.07 -24.65 -11.76
CA PRO A 85 -5.12 -25.14 -10.84
C PRO A 85 -4.96 -24.55 -9.44
N LEU A 86 -6.01 -24.62 -8.63
CA LEU A 86 -6.00 -24.00 -7.29
C LEU A 86 -4.89 -24.56 -6.38
N GLU A 87 -4.71 -25.89 -6.42
CA GLU A 87 -3.64 -26.53 -5.66
C GLU A 87 -2.24 -25.93 -5.97
N HIS A 88 -1.97 -25.51 -7.21
CA HIS A 88 -0.62 -24.97 -7.46
C HIS A 88 -0.52 -23.50 -7.08
N LEU A 89 -1.67 -22.84 -7.08
CA LEU A 89 -1.70 -21.44 -6.59
C LEU A 89 -1.43 -21.47 -5.09
N ALA A 90 -2.06 -22.42 -4.41
CA ALA A 90 -1.85 -22.59 -2.98
C ALA A 90 -0.37 -22.83 -2.66
N ALA A 91 0.32 -23.62 -3.49
CA ALA A 91 1.76 -23.89 -3.29
C ALA A 91 2.60 -22.63 -3.49
N MSE A 92 2.21 -21.81 -4.46
CA MSE A 92 2.86 -20.52 -4.67
C MSE A 92 2.65 -19.58 -3.48
O MSE A 92 3.56 -18.89 -3.09
CB MSE A 92 2.35 -19.83 -5.95
CG MSE A 92 2.84 -20.52 -7.23
SE MSE A 92 1.95 -19.73 -8.77
CE MSE A 92 2.35 -17.88 -8.44
N ILE A 93 1.47 -19.58 -2.88
CA ILE A 93 1.23 -18.73 -1.70
C ILE A 93 2.06 -19.18 -0.50
N LYS A 94 2.11 -20.51 -0.26
CA LYS A 94 2.99 -21.07 0.77
C LYS A 94 4.42 -20.57 0.67
N GLY A 95 4.92 -20.38 -0.54
CA GLY A 95 6.26 -19.84 -0.75
C GLY A 95 6.42 -18.35 -0.47
N THR A 96 5.33 -17.63 -0.21
CA THR A 96 5.42 -16.20 0.05
C THR A 96 5.18 -15.92 1.54
N VAL A 97 4.92 -16.96 2.32
CA VAL A 97 4.63 -16.77 3.74
C VAL A 97 5.57 -17.63 4.62
N LYS A 98 5.84 -17.15 5.83
CA LYS A 98 6.51 -17.95 6.85
C LYS A 98 5.59 -17.93 8.06
N VAL A 99 5.14 -19.12 8.46
CA VAL A 99 4.21 -19.26 9.59
C VAL A 99 4.94 -19.99 10.72
N GLU A 100 4.84 -19.47 11.93
CA GLU A 100 5.57 -20.07 13.06
C GLU A 100 4.93 -19.71 14.40
N ILE A 101 5.14 -20.58 15.40
CA ILE A 101 4.84 -20.23 16.79
C ILE A 101 6.17 -20.05 17.49
N LEU A 102 6.38 -18.84 18.01
CA LEU A 102 7.64 -18.49 18.66
C LEU A 102 7.52 -18.84 20.13
N GLU A 103 8.66 -19.09 20.78
CA GLU A 103 8.67 -19.42 22.20
C GLU A 103 7.85 -18.36 22.91
N GLY A 104 6.93 -18.78 23.76
CA GLY A 104 6.00 -17.87 24.44
C GLY A 104 4.57 -18.00 23.92
N ASN A 105 4.35 -18.95 23.01
CA ASN A 105 3.06 -19.15 22.33
C ASN A 105 2.64 -17.90 21.56
N ILE A 106 3.57 -17.33 20.81
CA ILE A 106 3.27 -16.12 20.03
C ILE A 106 3.31 -16.45 18.55
N GLY A 107 2.22 -16.15 17.87
CA GLY A 107 2.07 -16.40 16.44
C GLY A 107 2.94 -15.46 15.65
N TYR A 108 3.52 -15.99 14.59
CA TYR A 108 4.33 -15.19 13.69
C TYR A 108 3.91 -15.57 12.26
N LEU A 109 3.68 -14.55 11.46
CA LEU A 109 3.27 -14.72 10.10
C LEU A 109 3.97 -13.64 9.28
N LYS A 110 4.94 -14.06 8.49
CA LYS A 110 5.65 -13.16 7.60
C LYS A 110 4.91 -13.25 6.26
N ILE A 111 4.49 -12.09 5.74
CA ILE A 111 3.74 -12.03 4.48
C ILE A 111 4.53 -11.19 3.49
N GLN A 112 5.01 -11.84 2.43
CA GLN A 112 5.77 -11.16 1.38
C GLN A 112 4.89 -10.46 0.32
N HIS A 113 3.64 -10.89 0.20
CA HIS A 113 2.77 -10.39 -0.84
C HIS A 113 1.34 -10.43 -0.33
N ILE A 114 0.66 -9.28 -0.37
CA ILE A 114 -0.75 -9.25 0.05
C ILE A 114 -1.61 -9.78 -1.11
N ILE A 115 -2.27 -10.92 -0.89
CA ILE A 115 -3.04 -11.53 -1.97
C ILE A 115 -4.40 -10.85 -2.11
N GLY A 116 -4.93 -10.83 -3.34
CA GLY A 116 -6.17 -10.11 -3.63
C GLY A 116 -7.39 -10.95 -3.32
N GLU A 117 -8.55 -10.31 -3.44
CA GLU A 117 -9.85 -10.92 -3.11
C GLU A 117 -10.11 -12.23 -3.83
N GLU A 118 -9.78 -12.31 -5.12
CA GLU A 118 -10.06 -13.54 -5.89
C GLU A 118 -9.28 -14.72 -5.38
N MSE A 119 -7.97 -14.52 -5.30
CA MSE A 119 -7.04 -15.48 -4.74
C MSE A 119 -7.46 -15.88 -3.32
O MSE A 119 -7.50 -17.07 -2.99
CB MSE A 119 -5.66 -14.81 -4.78
CG MSE A 119 -4.51 -15.74 -4.73
SE MSE A 119 -4.29 -16.67 -6.24
CE MSE A 119 -3.53 -15.42 -7.32
N ALA A 120 -7.79 -14.90 -2.47
CA ALA A 120 -8.19 -15.22 -1.11
C ALA A 120 -9.47 -16.08 -1.07
N GLN A 121 -10.45 -15.73 -1.88
CA GLN A 121 -11.72 -16.50 -1.93
C GLN A 121 -11.53 -17.91 -2.49
N LYS A 122 -10.73 -18.03 -3.53
CA LYS A 122 -10.59 -19.29 -4.29
C LYS A 122 -9.55 -20.23 -3.72
N VAL A 123 -8.43 -19.69 -3.23
CA VAL A 123 -7.35 -20.55 -2.75
C VAL A 123 -7.29 -20.60 -1.21
N GLY A 124 -7.89 -19.61 -0.57
CA GLY A 124 -8.00 -19.57 0.90
C GLY A 124 -8.42 -20.85 1.58
N PRO A 125 -9.46 -21.54 1.05
CA PRO A 125 -9.81 -22.80 1.70
C PRO A 125 -8.70 -23.84 1.68
N LEU A 126 -7.76 -23.74 0.74
CA LEU A 126 -6.65 -24.68 0.65
C LEU A 126 -5.49 -24.34 1.58
N LEU A 127 -5.59 -23.20 2.26
CA LEU A 127 -4.48 -22.72 3.08
C LEU A 127 -4.88 -22.54 4.53
N LEU A 128 -6.17 -22.75 4.79
CA LEU A 128 -6.73 -22.57 6.13
C LEU A 128 -5.92 -23.36 7.16
N GLU A 129 -5.82 -24.66 6.93
CA GLU A 129 -5.12 -25.54 7.87
C GLU A 129 -3.63 -25.20 7.97
N TYR A 130 -3.01 -24.90 6.84
CA TYR A 130 -1.59 -24.64 6.79
C TYR A 130 -1.13 -23.33 7.44
N ILE A 131 -1.91 -22.27 7.29
CA ILE A 131 -1.52 -20.97 7.86
C ILE A 131 -2.31 -20.68 9.10
N TRP A 132 -3.62 -20.54 8.91
CA TRP A 132 -4.45 -19.92 9.93
C TRP A 132 -4.67 -20.81 11.16
N ASP A 133 -5.00 -22.07 10.95
CA ASP A 133 -5.22 -22.96 12.10
C ASP A 133 -3.99 -23.15 12.99
N LYS A 134 -2.80 -23.06 12.41
CA LYS A 134 -1.57 -23.17 13.17
C LYS A 134 -1.43 -22.05 14.23
N ILE A 135 -1.80 -20.81 13.87
CA ILE A 135 -1.58 -19.63 14.74
C ILE A 135 -2.82 -19.16 15.51
N LEU A 136 -3.98 -19.67 15.15
CA LEU A 136 -5.20 -19.39 15.91
C LEU A 136 -5.08 -19.57 17.44
N PRO A 137 -4.47 -20.68 17.92
CA PRO A 137 -4.47 -20.83 19.39
C PRO A 137 -3.40 -20.03 20.15
N THR A 138 -2.61 -19.23 19.42
CA THR A 138 -1.57 -18.40 20.03
C THR A 138 -2.16 -17.32 20.96
N SER A 139 -1.32 -16.79 21.86
CA SER A 139 -1.81 -15.80 22.83
C SER A 139 -1.64 -14.38 22.30
N ALA A 140 -0.80 -14.24 21.28
CA ALA A 140 -0.48 -12.95 20.64
C ALA A 140 0.02 -13.21 19.23
N MSE A 141 0.00 -12.17 18.40
CA MSE A 141 0.28 -12.33 16.99
C MSE A 141 1.23 -11.27 16.52
O MSE A 141 1.03 -10.10 16.79
CB MSE A 141 -1.03 -12.23 16.19
CG MSE A 141 -0.79 -12.16 14.69
SE MSE A 141 -0.23 -13.93 14.12
CE MSE A 141 -2.01 -14.69 14.42
N ILE A 142 2.25 -11.68 15.79
CA ILE A 142 3.14 -10.73 15.14
C ILE A 142 3.02 -10.91 13.62
N LEU A 143 2.61 -9.83 12.94
CA LEU A 143 2.61 -9.80 11.47
C LEU A 143 3.85 -9.10 10.98
N ASP A 144 4.65 -9.80 10.21
CA ASP A 144 5.92 -9.25 9.74
C ASP A 144 5.82 -8.75 8.32
N PHE A 145 5.77 -7.42 8.17
CA PHE A 145 5.73 -6.74 6.87
C PHE A 145 7.06 -6.12 6.51
N ARG A 146 8.13 -6.45 7.24
CA ARG A 146 9.39 -5.75 7.02
C ARG A 146 9.95 -5.86 5.61
N SER A 147 9.60 -6.92 4.88
CA SER A 147 10.08 -6.99 3.52
C SER A 147 8.94 -7.05 2.47
N THR A 148 7.73 -6.66 2.88
CA THR A 148 6.56 -6.70 1.98
C THR A 148 6.53 -5.47 1.08
N VAL A 149 6.65 -5.69 -0.24
CA VAL A 149 6.80 -4.58 -1.19
C VAL A 149 5.81 -4.65 -2.34
N THR A 150 4.90 -5.60 -2.29
CA THR A 150 3.89 -5.81 -3.31
C THR A 150 2.59 -6.34 -2.68
N GLY A 151 1.48 -6.18 -3.40
CA GLY A 151 0.21 -6.69 -2.90
C GLY A 151 -0.98 -6.06 -3.59
N GLU A 152 -2.16 -6.59 -3.30
CA GLU A 152 -3.38 -6.12 -3.95
C GLU A 152 -4.29 -5.39 -2.99
N LEU A 153 -4.84 -4.27 -3.44
CA LEU A 153 -5.75 -3.46 -2.62
C LEU A 153 -6.91 -4.30 -2.08
N SER A 154 -7.45 -5.16 -2.94
CA SER A 154 -8.62 -5.95 -2.59
C SER A 154 -8.37 -6.97 -1.51
N GLY A 155 -7.11 -7.24 -1.18
CA GLY A 155 -6.79 -8.12 -0.04
C GLY A 155 -6.95 -7.50 1.34
N ILE A 156 -7.04 -6.18 1.43
CA ILE A 156 -7.05 -5.51 2.73
C ILE A 156 -8.19 -5.97 3.64
N PRO A 157 -9.44 -6.08 3.13
CA PRO A 157 -10.53 -6.57 3.98
C PRO A 157 -10.31 -7.96 4.58
N TYR A 158 -9.63 -8.83 3.83
CA TYR A 158 -9.34 -10.19 4.30
C TYR A 158 -8.40 -10.20 5.52
N ILE A 159 -7.41 -9.32 5.54
CA ILE A 159 -6.54 -9.22 6.72
C ILE A 159 -7.25 -8.56 7.93
N VAL A 160 -7.85 -7.40 7.70
CA VAL A 160 -8.43 -6.60 8.78
C VAL A 160 -9.56 -7.37 9.44
N SER A 161 -10.34 -8.07 8.62
CA SER A 161 -11.54 -8.74 9.11
C SER A 161 -11.24 -9.81 10.15
N TYR A 162 -10.13 -10.53 10.00
CA TYR A 162 -9.75 -11.62 10.92
C TYR A 162 -9.37 -11.14 12.30
N PHE A 163 -9.13 -9.84 12.41
CA PHE A 163 -8.63 -9.24 13.65
C PHE A 163 -9.62 -8.27 14.27
N THR A 164 -10.81 -8.17 13.70
CA THR A 164 -11.81 -7.23 14.19
C THR A 164 -13.14 -7.95 14.46
N ASP A 165 -14.04 -7.32 15.23
CA ASP A 165 -15.39 -7.85 15.48
C ASP A 165 -16.16 -7.90 14.17
N PRO A 166 -17.05 -8.91 14.02
CA PRO A 166 -17.88 -8.98 12.80
C PRO A 166 -18.82 -7.80 12.70
N GLU A 167 -19.22 -7.25 13.85
CA GLU A 167 -20.20 -6.17 13.88
C GLU A 167 -19.73 -5.09 14.86
N PRO A 168 -19.90 -3.80 14.50
CA PRO A 168 -20.47 -3.30 13.23
C PRO A 168 -19.48 -3.43 12.07
N LEU A 169 -19.96 -3.46 10.84
CA LEU A 169 -19.05 -3.43 9.68
C LEU A 169 -18.13 -2.20 9.76
N ILE A 170 -16.88 -2.37 9.37
CA ILE A 170 -15.89 -1.30 9.44
C ILE A 170 -15.59 -0.80 8.03
N HIS A 171 -15.58 0.51 7.87
CA HIS A 171 -15.20 1.09 6.59
C HIS A 171 -13.68 1.33 6.66
N ILE A 172 -12.93 0.41 6.05
CA ILE A 172 -11.48 0.30 6.24
C ILE A 172 -10.75 1.44 5.51
N ASP A 173 -11.11 1.63 4.25
CA ASP A 173 -10.44 2.62 3.42
C ASP A 173 -11.35 3.04 2.27
N SER A 174 -11.05 4.17 1.68
CA SER A 174 -11.76 4.66 0.54
C SER A 174 -10.65 5.03 -0.44
N VAL A 175 -10.71 4.53 -1.66
CA VAL A 175 -9.66 4.85 -2.61
C VAL A 175 -10.29 5.51 -3.83
N TYR A 176 -9.73 6.64 -4.25
CA TYR A 176 -10.26 7.30 -5.43
C TYR A 176 -9.32 7.05 -6.62
N ASP A 177 -9.86 6.60 -7.75
CA ASP A 177 -9.05 6.41 -8.95
C ASP A 177 -9.49 7.47 -9.96
N ARG A 178 -8.59 8.38 -10.33
CA ARG A 178 -8.99 9.50 -11.21
C ARG A 178 -9.32 9.03 -12.65
N THR A 179 -8.52 8.11 -13.17
CA THR A 179 -8.74 7.61 -14.55
C THR A 179 -10.12 6.95 -14.69
N ALA A 180 -10.50 6.14 -13.72
CA ALA A 180 -11.84 5.55 -13.67
C ALA A 180 -12.94 6.51 -13.18
N ASP A 181 -12.56 7.68 -12.64
CA ASP A 181 -13.45 8.58 -11.89
C ASP A 181 -14.41 7.79 -11.01
N LEU A 182 -13.83 7.00 -10.12
CA LEU A 182 -14.59 6.09 -9.29
C LEU A 182 -13.95 6.02 -7.89
N THR A 183 -14.79 5.99 -6.87
CA THR A 183 -14.30 5.65 -5.54
C THR A 183 -14.53 4.19 -5.22
N ILE A 184 -13.46 3.54 -4.74
CA ILE A 184 -13.53 2.17 -4.29
C ILE A 184 -13.56 2.14 -2.78
N GLU A 185 -14.58 1.53 -2.21
CA GLU A 185 -14.68 1.46 -0.75
C GLU A 185 -14.28 0.07 -0.29
N LEU A 186 -13.46 0.00 0.76
CA LEU A 186 -13.02 -1.27 1.34
C LEU A 186 -13.64 -1.45 2.70
N TRP A 187 -14.43 -2.51 2.86
CA TRP A 187 -15.16 -2.78 4.10
C TRP A 187 -14.81 -4.14 4.66
N SER A 188 -14.94 -4.28 5.98
CA SER A 188 -14.83 -5.56 6.64
C SER A 188 -15.98 -6.46 6.18
N MSE A 189 -15.79 -7.75 6.43
CA MSE A 189 -16.70 -8.79 6.03
C MSE A 189 -17.10 -9.54 7.29
O MSE A 189 -16.25 -10.13 7.98
CB MSE A 189 -16.04 -9.75 5.05
CG MSE A 189 -15.60 -9.04 3.79
SE MSE A 189 -14.36 -10.11 2.76
CE MSE A 189 -12.95 -10.29 4.08
N PRO A 190 -18.39 -9.53 7.59
CA PRO A 190 -18.92 -10.18 8.77
C PRO A 190 -18.75 -11.71 8.74
N THR A 191 -18.85 -12.33 7.57
CA THR A 191 -18.64 -13.77 7.44
C THR A 191 -17.28 -14.10 6.82
N LEU A 192 -16.50 -14.95 7.49
CA LEU A 192 -15.21 -15.39 6.96
C LEU A 192 -15.16 -16.90 6.86
N LEU A 193 -14.29 -17.39 5.99
CA LEU A 193 -13.98 -18.82 5.92
C LEU A 193 -13.44 -19.37 7.24
N GLY A 194 -12.42 -18.71 7.80
CA GLY A 194 -11.81 -19.14 9.06
C GLY A 194 -12.44 -18.49 10.28
N LYS A 195 -11.96 -18.91 11.45
CA LYS A 195 -12.35 -18.28 12.69
C LYS A 195 -11.58 -16.99 12.86
N ARG A 196 -12.27 -16.01 13.43
CA ARG A 196 -11.68 -14.76 13.85
C ARG A 196 -10.68 -14.94 14.98
N TYR A 197 -9.63 -14.13 14.95
CA TYR A 197 -8.59 -14.16 15.98
C TYR A 197 -9.06 -13.54 17.28
N GLY A 198 -10.08 -12.67 17.19
CA GLY A 198 -10.57 -11.91 18.33
C GLY A 198 -9.89 -10.56 18.47
N THR A 199 -10.36 -9.80 19.45
CA THR A 199 -10.01 -8.40 19.64
C THR A 199 -9.14 -8.22 20.89
N SER A 200 -8.99 -9.29 21.66
CA SER A 200 -8.31 -9.29 22.95
C SER A 200 -6.82 -9.53 22.83
N LYS A 201 -6.44 -10.57 22.08
CA LYS A 201 -5.04 -10.88 21.87
C LYS A 201 -4.27 -9.74 21.20
N PRO A 202 -3.08 -9.44 21.71
CA PRO A 202 -2.22 -8.42 21.12
C PRO A 202 -1.92 -8.71 19.67
N LEU A 203 -1.90 -7.66 18.86
CA LEU A 203 -1.44 -7.76 17.49
C LEU A 203 -0.38 -6.71 17.31
N ILE A 204 0.79 -7.15 16.88
CA ILE A 204 1.86 -6.24 16.55
C ILE A 204 2.23 -6.42 15.09
N ILE A 205 2.50 -5.30 14.41
CA ILE A 205 2.95 -5.37 13.03
C ILE A 205 4.35 -4.82 12.96
N LEU A 206 5.25 -5.54 12.31
CA LEU A 206 6.62 -5.10 12.13
C LEU A 206 6.78 -4.42 10.81
N THR A 207 7.44 -3.27 10.81
CA THR A 207 7.66 -2.50 9.58
C THR A 207 9.11 -2.10 9.37
N SER A 208 9.52 -1.97 8.11
CA SER A 208 10.83 -1.42 7.79
C SER A 208 10.69 -0.23 6.84
N LYS A 209 11.81 0.44 6.56
CA LYS A 209 11.85 1.47 5.53
C LYS A 209 11.55 0.92 4.13
N ASP A 210 11.68 -0.38 3.95
CA ASP A 210 11.39 -0.97 2.66
C ASP A 210 9.90 -1.31 2.52
N THR A 211 9.17 -1.38 3.62
CA THR A 211 7.74 -1.76 3.56
C THR A 211 6.97 -0.80 2.64
N LEU A 212 6.36 -1.33 1.58
CA LEU A 212 5.83 -0.49 0.51
C LEU A 212 4.53 -1.01 -0.04
N GLY A 213 3.58 -0.09 -0.22
CA GLY A 213 2.35 -0.37 -0.95
C GLY A 213 1.21 -0.76 -0.03
N ILE A 214 0.44 -1.75 -0.46
CA ILE A 214 -0.75 -2.16 0.27
C ILE A 214 -0.43 -2.51 1.72
N ALA A 215 0.77 -3.02 1.97
CA ALA A 215 1.15 -3.37 3.34
C ALA A 215 1.17 -2.13 4.25
N GLU A 216 1.56 -0.98 3.71
CA GLU A 216 1.53 0.25 4.49
C GLU A 216 0.10 0.63 4.83
N ASP A 217 -0.82 0.36 3.90
CA ASP A 217 -2.22 0.66 4.15
C ASP A 217 -2.79 -0.25 5.24
N VAL A 218 -2.44 -1.55 5.20
CA VAL A 218 -2.95 -2.47 6.24
C VAL A 218 -2.51 -1.99 7.63
N ALA A 219 -1.22 -1.66 7.73
CA ALA A 219 -0.65 -1.24 9.01
C ALA A 219 -1.26 0.10 9.45
N TYR A 220 -1.37 1.05 8.52
CA TYR A 220 -1.99 2.33 8.83
C TYR A 220 -3.41 2.14 9.38
N CYS A 221 -4.17 1.28 8.73
CA CYS A 221 -5.60 1.12 9.12
C CYS A 221 -5.72 0.41 10.47
N LEU A 222 -4.89 -0.61 10.67
CA LEU A 222 -4.99 -1.37 11.93
C LEU A 222 -4.47 -0.53 13.10
N LYS A 223 -3.48 0.29 12.81
CA LYS A 223 -3.01 1.30 13.75
C LYS A 223 -4.11 2.32 14.11
N ASN A 224 -4.78 2.90 13.12
CA ASN A 224 -5.79 3.93 13.36
C ASN A 224 -7.03 3.35 14.03
N LEU A 225 -7.30 2.08 13.75
CA LEU A 225 -8.36 1.35 14.40
C LEU A 225 -8.00 0.99 15.85
N LYS A 226 -6.75 1.25 16.25
CA LYS A 226 -6.26 0.92 17.62
C LYS A 226 -6.28 -0.61 17.87
N ARG A 227 -6.15 -1.38 16.79
CA ARG A 227 -6.10 -2.84 16.91
C ARG A 227 -4.65 -3.32 16.99
N ALA A 228 -3.76 -2.64 16.29
CA ALA A 228 -2.37 -3.08 16.22
C ALA A 228 -1.37 -2.04 16.71
N THR A 229 -0.29 -2.53 17.30
CA THR A 229 0.87 -1.72 17.61
C THR A 229 1.87 -1.87 16.49
N ILE A 230 2.42 -0.77 15.98
CA ILE A 230 3.40 -0.82 14.92
C ILE A 230 4.80 -0.68 15.50
N VAL A 231 5.66 -1.65 15.18
CA VAL A 231 7.04 -1.72 15.71
C VAL A 231 8.01 -1.76 14.55
N GLY A 232 8.90 -0.78 14.51
CA GLY A 232 9.99 -0.80 13.56
C GLY A 232 10.33 0.60 13.07
N GLU A 233 10.50 0.71 11.76
CA GLU A 233 10.84 1.98 11.13
C GLU A 233 9.64 2.51 10.38
N ASN A 234 9.64 3.82 10.16
CA ASN A 234 8.69 4.45 9.24
C ASN A 234 8.75 3.76 7.88
N THR A 235 7.59 3.39 7.32
CA THR A 235 7.51 2.69 6.04
C THR A 235 7.89 3.62 4.86
N ALA A 236 8.02 3.04 3.67
CA ALA A 236 8.59 3.71 2.48
C ALA A 236 7.79 4.90 1.96
N GLY A 237 6.46 4.85 2.08
CA GLY A 237 5.62 5.95 1.60
C GLY A 237 5.31 5.84 0.12
N GLY A 238 4.67 4.75 -0.27
CA GLY A 238 4.31 4.55 -1.68
C GLY A 238 3.06 5.31 -2.09
N THR A 239 2.44 4.84 -3.17
CA THR A 239 1.28 5.51 -3.75
C THR A 239 0.36 4.40 -4.20
N VAL A 240 -0.95 4.51 -3.97
CA VAL A 240 -1.81 3.38 -4.35
C VAL A 240 -1.68 2.97 -5.84
N LYS A 241 -1.59 3.96 -6.73
CA LYS A 241 -1.36 3.67 -8.17
C LYS A 241 -0.72 4.85 -8.88
N MSE A 242 0.43 4.58 -9.48
CA MSE A 242 1.09 5.40 -10.50
C MSE A 242 0.79 4.85 -11.89
O MSE A 242 0.69 3.64 -12.10
CB MSE A 242 2.60 5.34 -10.31
CG MSE A 242 3.11 5.77 -8.97
SE MSE A 242 2.95 7.69 -8.79
CE MSE A 242 3.74 8.21 -10.51
N SER A 243 0.63 5.74 -12.85
CA SER A 243 0.52 5.31 -14.23
C SER A 243 1.56 6.07 -15.07
N LYS A 244 2.23 5.34 -15.96
CA LYS A 244 3.22 5.91 -16.88
C LYS A 244 2.58 5.90 -18.26
N MSE A 245 2.26 7.08 -18.77
CA MSE A 245 1.36 7.20 -19.91
C MSE A 245 2.00 7.86 -21.13
O MSE A 245 2.49 8.98 -21.05
CB MSE A 245 0.09 7.96 -19.52
CG MSE A 245 -0.83 7.16 -18.62
SE MSE A 245 -2.09 8.27 -17.64
CE MSE A 245 -0.97 8.87 -16.17
N LYS A 246 1.98 7.12 -22.25
CA LYS A 246 2.51 7.60 -23.53
C LYS A 246 1.72 8.80 -24.06
N VAL A 247 2.45 9.79 -24.58
CA VAL A 247 1.83 10.96 -25.17
C VAL A 247 1.65 10.71 -26.68
N GLY A 248 0.40 10.50 -27.10
CA GLY A 248 0.08 10.17 -28.51
C GLY A 248 1.01 9.13 -29.12
N ASP A 249 1.49 9.41 -30.33
CA ASP A 249 2.41 8.52 -31.04
C ASP A 249 3.86 8.91 -30.82
N THR A 250 4.10 9.74 -29.80
CA THR A 250 5.43 10.27 -29.48
C THR A 250 6.18 9.36 -28.48
N ASP A 251 7.47 9.61 -28.27
CA ASP A 251 8.25 8.87 -27.27
C ASP A 251 8.28 9.56 -25.89
N PHE A 252 7.38 10.53 -25.68
CA PHE A 252 7.28 11.18 -24.40
C PHE A 252 6.26 10.44 -23.55
N TYR A 253 6.53 10.38 -22.24
CA TYR A 253 5.65 9.73 -21.27
C TYR A 253 5.38 10.64 -20.09
N VAL A 254 4.14 10.61 -19.62
CA VAL A 254 3.72 11.36 -18.44
C VAL A 254 3.51 10.36 -17.31
N THR A 255 4.23 10.56 -16.22
CA THR A 255 4.09 9.70 -15.04
C THR A 255 3.35 10.47 -13.95
N VAL A 256 2.24 9.90 -13.49
CA VAL A 256 1.27 10.60 -12.69
C VAL A 256 0.67 9.65 -11.63
N PRO A 257 0.59 10.12 -10.37
CA PRO A 257 -0.24 9.36 -9.42
C PRO A 257 -1.71 9.48 -9.83
N VAL A 258 -2.39 8.35 -10.05
CA VAL A 258 -3.77 8.37 -10.54
C VAL A 258 -4.80 7.92 -9.52
N ALA A 259 -4.32 7.38 -8.40
CA ALA A 259 -5.24 6.93 -7.35
C ALA A 259 -4.64 7.25 -6.00
N LYS A 260 -5.50 7.37 -4.98
CA LYS A 260 -5.07 7.71 -3.64
C LYS A 260 -6.03 7.14 -2.60
N SER A 261 -5.54 6.98 -1.37
CA SER A 261 -6.34 6.60 -0.23
C SER A 261 -6.77 7.83 0.52
N ILE A 262 -8.01 7.80 0.99
CA ILE A 262 -8.55 8.88 1.80
C ILE A 262 -9.10 8.14 3.01
N ASN A 263 -8.32 8.11 4.09
CA ASN A 263 -8.64 7.25 5.22
C ASN A 263 -9.91 7.74 5.94
N PRO A 264 -10.87 6.83 6.16
CA PRO A 264 -12.15 7.15 6.82
C PRO A 264 -12.04 7.66 8.28
N ILE A 265 -10.93 7.37 8.94
CA ILE A 265 -10.72 7.84 10.33
C ILE A 265 -9.91 9.13 10.33
N THR A 266 -8.72 9.12 9.70
CA THR A 266 -7.82 10.28 9.79
C THR A 266 -8.10 11.37 8.75
N GLY A 267 -8.64 10.96 7.61
CA GLY A 267 -8.85 11.85 6.48
C GLY A 267 -7.59 11.96 5.67
N LYS A 268 -6.56 11.23 6.08
CA LYS A 268 -5.27 11.35 5.47
C LYS A 268 -4.93 10.02 4.80
N SER A 269 -3.66 9.80 4.58
CA SER A 269 -3.24 8.60 3.91
C SER A 269 -1.89 8.15 4.45
N TRP A 270 -1.62 6.88 4.24
CA TRP A 270 -0.30 6.31 4.44
C TRP A 270 0.68 6.75 3.36
N GLU A 271 0.17 7.26 2.24
CA GLU A 271 1.00 7.48 1.07
C GLU A 271 1.98 8.63 1.27
N ILE A 272 3.12 8.55 0.59
CA ILE A 272 4.14 9.61 0.52
C ILE A 272 4.96 9.69 1.79
N ASN A 273 4.32 9.94 2.91
CA ASN A 273 5.03 10.00 4.18
C ASN A 273 5.22 8.62 4.85
N GLY A 274 4.43 7.64 4.44
CA GLY A 274 4.49 6.34 5.06
C GLY A 274 3.82 6.33 6.43
N VAL A 275 3.95 5.19 7.12
CA VAL A 275 3.34 5.02 8.41
C VAL A 275 4.41 5.06 9.50
N ALA A 276 4.17 5.85 10.54
CA ALA A 276 5.05 5.99 11.70
C ALA A 276 4.83 4.88 12.72
N PRO A 277 5.95 4.27 13.20
CA PRO A 277 5.80 3.21 14.18
C PRO A 277 5.33 3.77 15.53
N ASP A 278 4.60 2.97 16.30
CA ASP A 278 4.32 3.30 17.70
C ASP A 278 5.62 3.14 18.51
N VAL A 279 6.38 2.10 18.22
CA VAL A 279 7.67 1.88 18.85
C VAL A 279 8.77 1.91 17.80
N ASP A 280 9.60 2.92 17.87
CA ASP A 280 10.60 3.13 16.85
C ASP A 280 11.86 2.39 17.25
N VAL A 281 12.28 1.44 16.40
CA VAL A 281 13.51 0.64 16.56
C VAL A 281 13.99 0.26 15.17
N ALA A 282 15.30 0.00 15.05
CA ALA A 282 15.88 -0.57 13.84
C ALA A 282 15.12 -1.83 13.42
N ALA A 283 14.95 -2.00 12.11
CA ALA A 283 14.11 -3.07 11.55
C ALA A 283 14.63 -4.44 11.96
N GLU A 284 15.95 -4.62 11.94
CA GLU A 284 16.58 -5.86 12.40
C GLU A 284 16.29 -6.22 13.86
N ASP A 285 15.94 -5.24 14.67
CA ASP A 285 15.63 -5.44 16.08
C ASP A 285 14.14 -5.49 16.34
N ALA A 286 13.33 -5.26 15.30
CA ALA A 286 11.89 -5.11 15.50
C ALA A 286 11.23 -6.36 16.08
N LEU A 287 11.64 -7.54 15.62
CA LEU A 287 11.05 -8.77 16.11
C LEU A 287 11.32 -8.98 17.61
N ASP A 288 12.56 -8.75 18.02
CA ASP A 288 12.96 -8.89 19.44
C ASP A 288 12.15 -7.95 20.33
N ALA A 289 11.98 -6.71 19.86
CA ALA A 289 11.24 -5.70 20.62
C ALA A 289 9.79 -6.07 20.75
N ALA A 290 9.21 -6.63 19.68
CA ALA A 290 7.78 -6.99 19.70
C ALA A 290 7.57 -8.11 20.70
N ILE A 291 8.45 -9.09 20.67
CA ILE A 291 8.41 -10.20 21.63
C ILE A 291 8.48 -9.65 23.08
N ALA A 292 9.46 -8.78 23.34
CA ALA A 292 9.63 -8.16 24.67
C ALA A 292 8.39 -7.36 25.13
N ILE A 293 7.78 -6.60 24.22
CA ILE A 293 6.55 -5.89 24.54
C ILE A 293 5.42 -6.85 24.95
N ILE A 294 5.20 -7.89 24.15
CA ILE A 294 4.13 -8.86 24.38
C ILE A 294 4.34 -9.60 25.71
N LYS A 295 5.57 -9.99 25.96
CA LYS A 295 5.87 -10.71 27.20
C LYS A 295 5.64 -9.88 28.46
N LEU A 296 6.05 -8.61 28.42
CA LEU A 296 5.92 -7.73 29.58
C LEU A 296 4.44 -7.53 29.87
N ARG A 297 3.66 -7.19 28.85
CA ARG A 297 2.23 -6.87 29.02
C ARG A 297 1.42 -8.06 29.56
N ALA A 298 1.79 -9.27 29.16
CA ALA A 298 1.15 -10.50 29.63
C ALA A 298 1.42 -10.75 31.13
N GLU A 299 2.60 -10.34 31.61
CA GLU A 299 3.01 -10.43 33.01
C GLU A 299 2.20 -9.49 33.92
N ILE A 300 1.65 -8.41 33.36
CA ILE A 300 1.03 -7.35 34.18
C ILE A 300 -0.16 -7.76 35.03
N PRO A 301 -1.14 -8.52 34.47
CA PRO A 301 -2.33 -8.83 35.28
C PRO A 301 -1.99 -9.59 36.57
N ALA A 302 -1.09 -10.56 36.47
CA ALA A 302 -0.68 -11.37 37.63
C ALA A 302 0.05 -10.50 38.67
N LEU A 303 0.91 -9.63 38.17
CA LEU A 303 1.60 -8.69 39.03
C LEU A 303 0.58 -7.90 39.82
N ALA A 304 -0.45 -7.38 39.13
CA ALA A 304 -1.48 -6.55 39.75
C ALA A 304 -2.23 -7.27 40.85
N GLN A 305 -2.61 -8.53 40.60
CA GLN A 305 -3.39 -9.32 41.56
C GLN A 305 -2.60 -9.72 42.81
N ALA A 306 -1.27 -9.81 42.67
CA ALA A 306 -0.38 -10.04 43.81
C ALA A 306 -0.20 -8.78 44.67
N ALA A 307 -0.12 -7.64 43.99
CA ALA A 307 -0.02 -6.31 44.65
C ALA A 307 -1.32 -5.90 45.35
N ALA A 308 -2.45 -6.11 44.67
CA ALA A 308 -3.79 -5.82 45.21
C ALA A 308 -4.03 -6.57 46.52
N THR A 309 -3.66 -7.86 46.52
CA THR A 309 -3.77 -8.72 47.68
C THR A 309 -2.65 -9.77 47.66
N1 EPE B . 18.24 25.92 -25.55
C2 EPE B . 18.18 27.11 -26.40
C3 EPE B . 17.83 28.35 -25.57
N4 EPE B . 18.59 28.44 -24.32
C5 EPE B . 19.53 27.37 -23.93
C6 EPE B . 19.27 25.96 -24.47
C7 EPE B . 18.80 29.80 -23.85
C8 EPE B . 18.88 29.90 -22.33
O8 EPE B . 20.14 29.41 -21.92
C9 EPE B . 18.23 24.72 -26.40
C10 EPE B . 19.56 24.01 -26.64
S EPE B . 19.40 22.64 -27.83
O1S EPE B . 19.42 23.14 -29.20
O2S EPE B . 20.53 21.72 -27.54
O3S EPE B . 18.10 22.00 -27.55
C1 GOL C . -13.15 12.48 -5.62
O1 GOL C . -13.59 11.30 -4.98
C2 GOL C . -11.79 12.85 -5.03
O2 GOL C . -11.98 13.27 -3.70
C3 GOL C . -11.16 14.02 -5.81
O3 GOL C . -9.94 14.38 -5.19
C1 GOL D . 4.16 1.20 -5.06
O1 GOL D . 3.54 1.54 -3.83
C2 GOL D . 4.75 2.44 -5.76
O2 GOL D . 5.51 3.22 -4.85
C3 GOL D . 3.70 3.32 -6.41
O3 GOL D . 2.68 2.58 -7.05
C1 GOL E . 4.68 15.61 -1.45
O1 GOL E . 3.53 15.81 -2.23
C2 GOL E . 5.80 15.02 -2.32
O2 GOL E . 6.31 16.02 -3.19
C3 GOL E . 5.28 13.81 -3.10
O3 GOL E . 6.25 12.77 -3.07
C1 OLA F . 14.72 28.57 -18.24
O1 OLA F . 15.69 29.34 -18.07
O2 OLA F . 14.83 27.33 -18.13
C2 OLA F . 13.38 29.17 -18.62
C3 OLA F . 12.36 28.10 -18.98
C4 OLA F . 11.09 28.29 -18.15
C5 OLA F . 10.90 27.16 -17.14
C6 OLA F . 9.58 27.29 -16.38
C7 OLA F . 8.38 27.21 -17.33
C8 OLA F . 7.27 26.34 -16.78
C9 OLA F . 7.23 25.04 -17.55
C10 OLA F . 6.14 24.28 -17.66
C11 OLA F . 4.81 24.62 -17.02
C12 OLA F . 4.01 23.35 -16.74
C13 OLA F . 3.39 22.74 -18.00
C14 OLA F . 3.98 21.34 -18.23
C15 OLA F . 3.02 20.40 -18.95
C16 OLA F . 2.55 19.28 -18.03
C17 OLA F . 3.22 17.94 -18.36
C18 OLA F . 3.29 17.05 -17.13
#